data_4U4I
#
_entry.id   4U4I
#
_cell.length_a   70.626
_cell.length_b   70.626
_cell.length_c   117.426
_cell.angle_alpha   90.00
_cell.angle_beta   90.00
_cell.angle_gamma   90.00
#
_symmetry.space_group_name_H-M   'P 43 21 2'
#
loop_
_entity.id
_entity.type
_entity.pdbx_description
1 polymer 'Cu/Zn superoxide dismutase'
2 water water
#
_entity_poly.entity_id   1
_entity_poly.type   'polypeptide(L)'
_entity_poly.pdbx_seq_one_letter_code
;GPGSSRYDFFNVVTAICQLDKPHDYGYAIFTQLPDCTEIQFHLKNLPPGKHGCHIHKSGDRRNGCTS(MSE)GPHFNPFN
GVHKDINIQHNHLGDLGNIVVNNNGECNEIICVKYLPLTGSNQIIGRGLVIHEKEDDLG(MSE)TNHPDSKTTGNSGDRI
ACGIIAYLN
;
_entity_poly.pdbx_strand_id   A,B
#
# COMPACT_ATOMS: atom_id res chain seq x y z
N PHE A 9 -24.24 -1.04 11.14
CA PHE A 9 -23.09 -0.14 11.14
C PHE A 9 -22.92 0.60 9.80
N PHE A 10 -22.99 1.93 9.85
CA PHE A 10 -22.54 2.79 8.75
C PHE A 10 -21.41 3.63 9.37
N ASN A 11 -20.45 4.11 8.59
CA ASN A 11 -20.27 3.76 7.17
C ASN A 11 -18.86 3.22 7.01
N VAL A 12 -18.77 1.91 7.07
CA VAL A 12 -17.56 1.21 7.43
C VAL A 12 -16.36 1.45 6.50
N VAL A 13 -15.18 1.62 7.10
CA VAL A 13 -13.97 1.63 6.29
C VAL A 13 -13.43 0.20 6.20
N THR A 14 -13.12 -0.21 5.00
CA THR A 14 -12.58 -1.55 4.77
C THR A 14 -11.23 -1.45 4.06
N ALA A 15 -10.27 -2.27 4.48
CA ALA A 15 -8.96 -2.31 3.81
C ALA A 15 -8.62 -3.70 3.32
N ILE A 16 -7.78 -3.75 2.30
CA ILE A 16 -7.26 -5.02 1.80
C ILE A 16 -5.74 -5.02 1.78
N CYS A 17 -5.16 -6.15 2.17
CA CYS A 17 -3.74 -6.39 2.05
C CYS A 17 -3.45 -7.63 1.23
N GLN A 18 -2.87 -7.47 0.04
CA GLN A 18 -2.43 -8.65 -0.69
C GLN A 18 -1.04 -9.02 -0.25
N LEU A 19 -0.89 -10.20 0.34
CA LEU A 19 0.42 -10.67 0.76
C LEU A 19 1.09 -11.33 -0.42
N ASP A 20 1.62 -10.52 -1.33
CA ASP A 20 2.13 -11.04 -2.59
C ASP A 20 3.65 -10.95 -2.73
N LYS A 21 4.36 -10.71 -1.63
CA LYS A 21 5.81 -10.85 -1.62
C LYS A 21 6.20 -11.76 -0.47
N PRO A 22 7.25 -12.58 -0.65
CA PRO A 22 8.02 -12.72 -1.90
C PRO A 22 7.26 -13.52 -2.97
N HIS A 23 6.13 -14.12 -2.61
CA HIS A 23 5.28 -14.83 -3.57
C HIS A 23 3.81 -14.57 -3.25
N ASP A 24 2.93 -15.18 -4.02
CA ASP A 24 1.49 -15.04 -3.83
C ASP A 24 1.02 -15.85 -2.64
N TYR A 25 0.84 -15.21 -1.49
CA TYR A 25 0.31 -15.95 -0.33
C TYR A 25 -1.11 -15.53 0.02
N GLY A 26 -1.84 -14.99 -0.95
CA GLY A 26 -3.24 -14.63 -0.73
C GLY A 26 -3.39 -13.23 -0.15
N TYR A 27 -4.46 -13.01 0.63
CA TYR A 27 -4.78 -11.67 1.07
C TYR A 27 -5.51 -11.64 2.43
N ALA A 28 -5.68 -10.44 3.00
CA ALA A 28 -6.48 -10.25 4.22
C ALA A 28 -7.37 -9.01 4.08
N ILE A 29 -8.54 -9.06 4.71
CA ILE A 29 -9.49 -7.96 4.68
C ILE A 29 -9.60 -7.36 6.06
N PHE A 30 -9.42 -6.04 6.17
CA PHE A 30 -9.55 -5.34 7.45
C PHE A 30 -10.84 -4.54 7.45
N THR A 31 -11.64 -4.67 8.50
CA THR A 31 -12.87 -3.92 8.59
C THR A 31 -12.94 -3.15 9.92
N GLN A 32 -13.00 -1.83 9.82
CA GLN A 32 -12.97 -0.96 11.00
C GLN A 32 -14.35 -0.88 11.66
N LEU A 33 -14.58 -1.74 12.66
CA LEU A 33 -15.83 -1.77 13.39
C LEU A 33 -15.73 -0.87 14.63
N PRO A 34 -16.88 -0.53 15.26
CA PRO A 34 -16.75 0.47 16.34
C PRO A 34 -16.02 -0.03 17.59
N ASP A 35 -16.09 -1.30 17.92
CA ASP A 35 -15.40 -1.79 19.11
C ASP A 35 -14.08 -2.48 18.78
N CYS A 36 -13.73 -2.50 17.50
CA CYS A 36 -12.94 -3.60 17.00
C CYS A 36 -12.47 -3.41 15.57
N THR A 37 -11.22 -3.74 15.25
CA THR A 37 -10.88 -3.87 13.84
C THR A 37 -10.85 -5.35 13.49
N GLU A 38 -11.79 -5.77 12.65
CA GLU A 38 -11.94 -7.17 12.26
C GLU A 38 -10.95 -7.50 11.14
N ILE A 39 -10.25 -8.62 11.25
CA ILE A 39 -9.35 -9.04 10.19
C ILE A 39 -9.73 -10.44 9.70
N GLN A 40 -10.16 -10.53 8.45
CA GLN A 40 -10.51 -11.80 7.84
C GLN A 40 -9.33 -12.26 6.99
N PHE A 41 -8.64 -13.30 7.41
CA PHE A 41 -7.50 -13.80 6.64
C PHE A 41 -8.00 -14.74 5.53
N HIS A 42 -7.36 -14.64 4.37
CA HIS A 42 -7.51 -15.60 3.27
C HIS A 42 -6.11 -15.89 2.69
N LEU A 43 -5.24 -16.45 3.53
CA LEU A 43 -3.88 -16.75 3.13
C LEU A 43 -3.82 -18.16 2.51
N LYS A 44 -2.73 -18.42 1.77
CA LYS A 44 -2.51 -19.70 1.11
C LYS A 44 -1.00 -19.87 0.86
N ASN A 45 -0.58 -21.09 0.50
CA ASN A 45 0.81 -21.43 0.19
C ASN A 45 1.84 -21.24 1.32
N LEU A 46 1.38 -21.14 2.56
CA LEU A 46 2.30 -20.86 3.67
C LEU A 46 2.71 -22.13 4.42
N PRO A 47 3.82 -22.10 5.16
CA PRO A 47 4.18 -23.17 6.09
C PRO A 47 3.14 -23.34 7.19
N PRO A 48 2.68 -24.58 7.43
CA PRO A 48 1.67 -24.83 8.47
C PRO A 48 2.14 -24.40 9.86
N GLY A 49 1.20 -24.08 10.75
CA GLY A 49 1.54 -23.78 12.14
C GLY A 49 1.32 -22.34 12.53
N LYS A 50 1.78 -21.97 13.74
CA LYS A 50 1.64 -20.61 14.22
C LYS A 50 2.68 -19.67 13.62
N HIS A 51 2.25 -18.48 13.27
CA HIS A 51 3.14 -17.46 12.72
C HIS A 51 2.79 -16.10 13.31
N GLY A 52 3.80 -15.38 13.77
CA GLY A 52 3.62 -14.05 14.30
C GLY A 52 3.10 -13.13 13.21
N CYS A 53 2.12 -12.32 13.55
CA CYS A 53 1.52 -11.42 12.58
C CYS A 53 1.65 -9.99 13.11
N HIS A 54 2.33 -9.13 12.35
CA HIS A 54 2.58 -7.79 12.85
C HIS A 54 2.35 -6.72 11.81
N ILE A 55 1.89 -5.57 12.25
CA ILE A 55 1.93 -4.36 11.42
C ILE A 55 3.34 -3.78 11.48
N HIS A 56 3.85 -3.39 10.31
CA HIS A 56 5.14 -2.77 10.23
C HIS A 56 4.98 -1.36 9.68
N LYS A 57 5.92 -0.52 10.10
CA LYS A 57 5.84 0.93 9.97
C LYS A 57 5.80 1.41 8.51
N SER A 58 6.60 0.79 7.65
CA SER A 58 6.77 1.30 6.29
C SER A 58 6.03 0.47 5.25
N GLY A 59 5.46 1.14 4.24
CA GLY A 59 4.84 0.47 3.11
C GLY A 59 5.81 0.18 1.97
N ASP A 60 7.07 0.58 2.17
CA ASP A 60 8.15 0.41 1.18
C ASP A 60 8.50 -1.07 1.02
N ARG A 61 8.51 -1.61 -0.20
CA ARG A 61 8.94 -3.00 -0.38
C ARG A 61 10.03 -3.15 -1.44
N ARG A 62 10.80 -2.08 -1.66
CA ARG A 62 11.87 -2.15 -2.65
C ARG A 62 12.91 -3.24 -2.33
N ASN A 63 13.16 -3.51 -1.06
CA ASN A 63 14.04 -4.64 -0.73
C ASN A 63 13.23 -5.86 -0.26
N GLY A 64 12.02 -6.03 -0.79
CA GLY A 64 11.15 -7.08 -0.29
C GLY A 64 10.64 -6.71 1.08
N CYS A 65 10.35 -7.70 1.92
CA CYS A 65 9.69 -7.45 3.21
C CYS A 65 10.60 -6.76 4.21
N THR A 66 11.90 -6.80 3.94
CA THR A 66 12.87 -6.13 4.81
C THR A 66 12.64 -4.61 4.85
N SER A 67 12.20 -4.05 3.74
CA SER A 67 12.02 -2.60 3.66
C SER A 67 10.84 -2.09 4.49
N MSE A 68 9.94 -2.98 4.92
CA MSE A 68 8.78 -2.51 5.65
C MSE A 68 9.15 -2.07 7.08
O MSE A 68 8.31 -1.63 7.85
CB MSE A 68 7.68 -3.58 5.67
CG MSE A 68 7.39 -4.16 4.29
SE MSE A 68 5.53 -4.76 4.03
CE MSE A 68 4.83 -3.09 3.27
N GLY A 69 10.43 -2.17 7.40
CA GLY A 69 10.93 -1.63 8.67
C GLY A 69 10.48 -2.39 9.90
N PRO A 70 10.54 -1.73 11.07
CA PRO A 70 10.22 -2.32 12.37
C PRO A 70 8.73 -2.40 12.65
N HIS A 71 8.39 -3.05 13.76
CA HIS A 71 7.01 -3.10 14.25
C HIS A 71 6.47 -1.70 14.36
N PHE A 72 5.21 -1.53 14.00
CA PHE A 72 4.56 -0.25 14.12
C PHE A 72 3.94 -0.12 15.50
N ASN A 73 4.54 0.73 16.32
CA ASN A 73 4.10 0.93 17.70
C ASN A 73 4.09 2.40 18.06
N PRO A 74 3.15 3.16 17.48
CA PRO A 74 3.17 4.64 17.51
C PRO A 74 3.13 5.25 18.91
N PHE A 75 2.34 4.68 19.81
CA PHE A 75 2.15 5.26 21.13
C PHE A 75 3.26 4.90 22.11
N ASN A 76 4.09 3.92 21.73
CA ASN A 76 5.09 3.33 22.64
C ASN A 76 4.45 2.72 23.89
N LEU A 89 1.38 -2.32 19.85
CA LEU A 89 -0.01 -2.64 19.56
C LEU A 89 -0.30 -2.79 18.05
N GLY A 90 0.76 -2.82 17.25
CA GLY A 90 0.69 -3.30 15.88
C GLY A 90 0.86 -4.82 15.89
N ASP A 91 0.82 -5.35 17.11
CA ASP A 91 0.89 -6.78 17.41
C ASP A 91 -0.52 -7.39 17.34
N LEU A 92 -0.74 -8.18 16.30
CA LEU A 92 -2.02 -8.83 16.08
C LEU A 92 -1.97 -10.22 16.70
N GLY A 93 -0.78 -10.63 17.16
CA GLY A 93 -0.59 -11.95 17.73
C GLY A 93 -0.30 -13.00 16.66
N ASN A 94 -0.60 -14.25 16.97
CA ASN A 94 -0.31 -15.36 16.07
C ASN A 94 -1.51 -15.73 15.22
N ILE A 95 -1.26 -16.03 13.95
CA ILE A 95 -2.25 -16.75 13.16
C ILE A 95 -1.84 -18.20 13.07
N VAL A 96 -2.79 -19.04 12.71
CA VAL A 96 -2.51 -20.45 12.49
C VAL A 96 -2.75 -20.80 11.04
N VAL A 97 -1.74 -21.35 10.38
CA VAL A 97 -1.91 -21.84 9.03
C VAL A 97 -2.21 -23.35 9.07
N ASN A 98 -3.21 -23.79 8.32
CA ASN A 98 -3.56 -25.21 8.23
C ASN A 98 -2.52 -26.03 7.49
N ASN A 99 -2.68 -27.35 7.54
CA ASN A 99 -1.76 -28.24 6.88
C ASN A 99 -1.78 -28.15 5.36
N ASN A 100 -2.83 -27.56 4.80
CA ASN A 100 -2.84 -27.28 3.36
C ASN A 100 -2.28 -25.90 3.02
N GLY A 101 -1.66 -25.24 4.00
CA GLY A 101 -1.01 -23.96 3.76
C GLY A 101 -1.93 -22.74 3.75
N GLU A 102 -3.21 -22.97 4.07
CA GLU A 102 -4.19 -21.89 4.11
C GLU A 102 -4.45 -21.38 5.53
N CYS A 103 -4.88 -20.13 5.61
CA CYS A 103 -5.36 -19.54 6.84
C CYS A 103 -6.60 -18.73 6.52
N ASN A 104 -7.77 -19.15 7.03
CA ASN A 104 -8.96 -18.34 6.83
C ASN A 104 -9.59 -17.87 8.14
N GLU A 105 -8.74 -17.78 9.17
CA GLU A 105 -9.21 -17.39 10.49
C GLU A 105 -9.59 -15.91 10.54
N ILE A 106 -10.40 -15.57 11.54
CA ILE A 106 -10.81 -14.20 11.76
C ILE A 106 -10.44 -13.74 13.16
N ILE A 107 -9.85 -12.56 13.27
CA ILE A 107 -9.59 -11.96 14.57
C ILE A 107 -10.14 -10.55 14.61
N CYS A 108 -10.28 -10.02 15.81
CA CYS A 108 -10.78 -8.67 15.99
C CYS A 108 -9.82 -8.02 16.97
N VAL A 109 -9.21 -6.91 16.57
CA VAL A 109 -8.21 -6.25 17.39
C VAL A 109 -8.73 -4.89 17.85
N LYS A 110 -8.76 -4.68 19.15
CA LYS A 110 -9.03 -3.36 19.70
C LYS A 110 -7.89 -2.42 19.36
N TYR A 111 -8.23 -1.17 19.08
CA TYR A 111 -7.26 -0.10 18.88
C TYR A 111 -6.25 -0.43 17.76
N LEU A 112 -6.80 -0.71 16.59
CA LEU A 112 -6.05 -0.89 15.37
C LEU A 112 -6.71 -0.05 14.28
N PRO A 113 -6.45 1.27 14.29
CA PRO A 113 -7.18 2.19 13.42
C PRO A 113 -6.79 2.05 11.96
N LEU A 114 -7.77 2.10 11.05
CA LEU A 114 -7.49 2.06 9.64
C LEU A 114 -7.27 3.48 9.10
N THR A 115 -7.92 4.45 9.75
CA THR A 115 -7.84 5.83 9.27
C THR A 115 -7.39 6.73 10.41
N GLY A 116 -7.03 7.96 10.07
CA GLY A 116 -6.64 8.91 11.09
C GLY A 116 -5.15 8.90 11.33
N SER A 117 -4.71 9.68 12.31
CA SER A 117 -3.28 10.03 12.44
C SER A 117 -2.35 8.82 12.69
N ASN A 118 -2.80 7.80 13.42
CA ASN A 118 -1.98 6.57 13.57
C ASN A 118 -2.50 5.33 12.77
N GLN A 119 -3.07 5.61 11.62
CA GLN A 119 -3.65 4.58 10.75
C GLN A 119 -2.63 3.53 10.30
N ILE A 120 -3.12 2.32 10.02
CA ILE A 120 -2.25 1.30 9.44
C ILE A 120 -2.43 1.18 7.93
N ILE A 121 -3.44 1.84 7.38
CA ILE A 121 -3.55 1.90 5.92
C ILE A 121 -2.31 2.63 5.38
N GLY A 122 -1.66 2.05 4.36
CA GLY A 122 -0.47 2.63 3.80
C GLY A 122 0.78 2.03 4.42
N ARG A 123 0.58 1.18 5.42
CA ARG A 123 1.70 0.54 6.08
C ARG A 123 1.71 -0.95 5.76
N GLY A 124 2.43 -1.73 6.55
CA GLY A 124 2.74 -3.10 6.16
C GLY A 124 2.20 -4.17 7.08
N LEU A 125 1.67 -5.24 6.47
CA LEU A 125 1.32 -6.45 7.20
C LEU A 125 2.36 -7.50 6.88
N VAL A 126 3.02 -8.04 7.90
CA VAL A 126 4.07 -9.03 7.66
C VAL A 126 3.76 -10.32 8.41
N ILE A 127 3.85 -11.45 7.72
CA ILE A 127 3.79 -12.76 8.37
C ILE A 127 5.20 -13.20 8.75
N HIS A 128 5.45 -13.51 10.02
CA HIS A 128 6.78 -13.94 10.44
C HIS A 128 6.93 -15.46 10.53
N GLU A 129 8.13 -15.95 10.23
CA GLU A 129 8.41 -17.38 10.26
C GLU A 129 8.07 -18.01 11.60
N LYS A 130 8.60 -17.44 12.67
CA LYS A 130 8.36 -17.94 14.01
C LYS A 130 7.12 -17.33 14.64
N GLU A 131 6.59 -18.04 15.62
CA GLU A 131 5.42 -17.56 16.34
C GLU A 131 5.88 -16.57 17.38
N ASP A 132 5.00 -15.64 17.76
CA ASP A 132 5.20 -14.84 18.97
C ASP A 132 5.13 -15.75 20.20
N ASP A 133 6.13 -15.65 21.06
CA ASP A 133 6.09 -16.42 22.30
C ASP A 133 5.15 -15.78 23.31
N GLY A 149 10.19 -15.02 12.59
CA GLY A 149 11.34 -14.19 12.87
C GLY A 149 11.74 -13.47 11.60
N ASP A 150 12.21 -14.24 10.62
CA ASP A 150 12.36 -13.73 9.27
C ASP A 150 10.96 -13.59 8.65
N ARG A 151 10.88 -12.76 7.62
CA ARG A 151 9.61 -12.31 7.07
C ARG A 151 9.23 -13.12 5.85
N ILE A 152 8.23 -13.99 5.99
CA ILE A 152 7.94 -14.95 4.94
C ILE A 152 6.81 -14.50 4.01
N ALA A 153 6.09 -13.46 4.40
CA ALA A 153 5.03 -12.91 3.56
C ALA A 153 4.71 -11.48 3.99
N CYS A 154 4.46 -10.60 3.02
CA CYS A 154 4.11 -9.23 3.37
C CYS A 154 3.31 -8.54 2.27
N GLY A 155 2.58 -7.49 2.65
CA GLY A 155 1.83 -6.71 1.69
C GLY A 155 1.56 -5.33 2.26
N ILE A 156 1.12 -4.43 1.38
CA ILE A 156 0.72 -3.07 1.75
C ILE A 156 -0.76 -3.05 2.15
N ILE A 157 -1.07 -2.38 3.24
CA ILE A 157 -2.49 -2.25 3.61
C ILE A 157 -3.12 -1.08 2.85
N ALA A 158 -4.16 -1.37 2.07
CA ALA A 158 -4.72 -0.36 1.16
C ALA A 158 -6.22 -0.25 1.31
N TYR A 159 -6.80 0.86 0.83
CA TYR A 159 -8.27 0.98 0.78
C TYR A 159 -8.84 -0.07 -0.17
N LEU A 160 -9.89 -0.75 0.28
CA LEU A 160 -10.62 -1.68 -0.56
C LEU A 160 -11.36 -0.88 -1.61
N ASN A 161 -12.02 0.18 -1.16
CA ASN A 161 -12.74 1.07 -2.05
C ASN A 161 -12.68 2.52 -1.59
N TYR B 7 12.82 26.64 2.79
CA TYR B 7 13.72 26.73 3.94
C TYR B 7 13.75 25.44 4.74
N ASP B 8 13.03 25.45 5.85
CA ASP B 8 13.03 24.31 6.76
C ASP B 8 11.63 23.77 7.02
N PHE B 9 11.32 22.62 6.43
CA PHE B 9 10.04 21.96 6.68
C PHE B 9 10.23 20.79 7.62
N PHE B 10 9.47 20.79 8.70
CA PHE B 10 9.44 19.67 9.63
C PHE B 10 8.12 18.94 9.51
N ASN B 11 8.08 17.72 10.02
CA ASN B 11 6.86 16.91 10.00
C ASN B 11 6.27 16.76 8.59
N VAL B 12 7.14 16.55 7.62
CA VAL B 12 6.72 16.22 6.27
C VAL B 12 6.21 14.79 6.20
N VAL B 13 5.13 14.59 5.46
CA VAL B 13 4.66 13.23 5.19
C VAL B 13 5.17 12.85 3.80
N THR B 14 5.78 11.67 3.70
CA THR B 14 6.34 11.17 2.45
C THR B 14 5.75 9.80 2.12
N ALA B 15 5.37 9.60 0.86
CA ALA B 15 4.80 8.34 0.40
C ALA B 15 5.59 7.77 -0.76
N ILE B 16 5.55 6.45 -0.92
CA ILE B 16 6.19 5.81 -2.04
C ILE B 16 5.16 4.99 -2.79
N CYS B 17 5.29 4.98 -4.10
CA CYS B 17 4.47 4.11 -4.90
C CYS B 17 5.37 3.32 -5.85
N GLN B 18 5.42 2.01 -5.65
CA GLN B 18 6.10 1.11 -6.59
C GLN B 18 5.15 0.71 -7.69
N LEU B 19 5.46 1.11 -8.91
CA LEU B 19 4.66 0.74 -10.07
C LEU B 19 5.14 -0.60 -10.60
N ASP B 20 4.69 -1.68 -9.95
CA ASP B 20 5.26 -3.00 -10.16
C ASP B 20 4.28 -4.03 -10.72
N LYS B 21 3.10 -3.58 -11.13
CA LYS B 21 2.22 -4.37 -11.98
C LYS B 21 1.92 -3.61 -13.25
N PRO B 22 1.82 -4.33 -14.39
CA PRO B 22 1.99 -5.78 -14.52
C PRO B 22 3.45 -6.18 -14.55
N HIS B 23 4.35 -5.21 -14.63
CA HIS B 23 5.77 -5.49 -14.49
C HIS B 23 6.45 -4.35 -13.74
N ASP B 24 7.75 -4.47 -13.56
CA ASP B 24 8.51 -3.49 -12.80
C ASP B 24 8.78 -2.23 -13.63
N TYR B 25 8.05 -1.16 -13.35
CA TYR B 25 8.33 0.10 -14.03
C TYR B 25 8.90 1.19 -13.12
N GLY B 26 9.53 0.79 -12.02
CA GLY B 26 10.11 1.76 -11.10
C GLY B 26 9.14 2.25 -10.05
N TYR B 27 9.32 3.48 -9.59
CA TYR B 27 8.54 4.01 -8.48
C TYR B 27 8.43 5.52 -8.54
N ALA B 28 7.61 6.08 -7.66
CA ALA B 28 7.47 7.52 -7.50
C ALA B 28 7.47 7.83 -6.02
N ILE B 29 7.97 9.02 -5.66
CA ILE B 29 7.99 9.49 -4.27
C ILE B 29 7.09 10.73 -4.14
N PHE B 30 6.15 10.70 -3.20
CA PHE B 30 5.29 11.86 -2.95
C PHE B 30 5.70 12.55 -1.65
N THR B 31 5.85 13.87 -1.69
CA THR B 31 6.25 14.60 -0.51
C THR B 31 5.29 15.74 -0.27
N GLN B 32 4.53 15.71 0.82
CA GLN B 32 3.55 16.77 1.03
C GLN B 32 4.19 17.99 1.70
N LEU B 33 4.42 19.02 0.89
CA LEU B 33 4.98 20.29 1.34
C LEU B 33 3.83 21.27 1.56
N PRO B 34 4.04 22.34 2.35
CA PRO B 34 2.93 23.21 2.75
C PRO B 34 2.09 23.80 1.61
N ASP B 35 2.67 23.97 0.42
CA ASP B 35 1.93 24.61 -0.66
C ASP B 35 1.57 23.68 -1.80
N CYS B 36 2.13 22.48 -1.80
CA CYS B 36 1.84 21.49 -2.82
C CYS B 36 2.43 20.14 -2.43
N THR B 37 2.05 19.10 -3.17
CA THR B 37 2.62 17.78 -3.01
C THR B 37 3.58 17.54 -4.14
N GLU B 38 4.85 17.37 -3.78
CA GLU B 38 5.90 17.11 -4.75
C GLU B 38 5.86 15.65 -5.17
N ILE B 39 5.95 15.38 -6.46
CA ILE B 39 6.01 14.01 -6.93
C ILE B 39 7.26 13.80 -7.75
N GLN B 40 8.18 13.00 -7.21
CA GLN B 40 9.43 12.68 -7.90
C GLN B 40 9.26 11.32 -8.55
N PHE B 41 9.25 11.31 -9.87
CA PHE B 41 9.13 10.05 -10.60
C PHE B 41 10.50 9.42 -10.81
N HIS B 42 10.53 8.10 -10.72
CA HIS B 42 11.71 7.33 -11.06
C HIS B 42 11.21 6.10 -11.80
N LEU B 43 10.58 6.35 -12.94
CA LEU B 43 9.99 5.29 -13.73
C LEU B 43 10.97 4.80 -14.80
N LYS B 44 10.77 3.57 -15.24
CA LYS B 44 11.64 2.89 -16.18
C LYS B 44 10.87 1.85 -16.99
N ASN B 45 11.49 1.33 -18.06
CA ASN B 45 10.92 0.29 -18.93
C ASN B 45 9.57 0.62 -19.56
N LEU B 46 9.27 1.91 -19.69
CA LEU B 46 7.99 2.34 -20.27
C LEU B 46 8.13 2.74 -21.73
N PRO B 47 7.00 2.71 -22.48
CA PRO B 47 6.95 3.28 -23.84
C PRO B 47 7.24 4.78 -23.86
N PRO B 48 8.21 5.20 -24.68
CA PRO B 48 8.49 6.64 -24.82
C PRO B 48 7.25 7.43 -25.24
N GLY B 49 7.24 8.72 -24.93
CA GLY B 49 6.10 9.56 -25.24
C GLY B 49 5.39 10.04 -23.98
N LYS B 50 4.30 10.77 -24.16
CA LYS B 50 3.50 11.26 -23.05
C LYS B 50 2.53 10.19 -22.56
N HIS B 51 2.32 10.15 -21.25
CA HIS B 51 1.36 9.20 -20.67
C HIS B 51 0.53 9.87 -19.58
N GLY B 52 -0.77 9.63 -19.62
CA GLY B 52 -1.68 10.12 -18.61
C GLY B 52 -1.36 9.50 -17.26
N CYS B 53 -1.61 10.27 -16.21
CA CYS B 53 -1.22 9.85 -14.88
C CYS B 53 -2.29 10.22 -13.88
N HIS B 54 -2.87 9.22 -13.23
CA HIS B 54 -4.00 9.48 -12.36
C HIS B 54 -4.03 8.63 -11.08
N ILE B 55 -4.54 9.26 -10.04
CA ILE B 55 -4.92 8.59 -8.82
C ILE B 55 -6.25 7.85 -8.98
N HIS B 56 -6.27 6.57 -8.62
CA HIS B 56 -7.51 5.81 -8.66
C HIS B 56 -7.95 5.45 -7.25
N LYS B 57 -9.25 5.24 -7.08
CA LYS B 57 -9.87 5.19 -5.76
C LYS B 57 -9.49 3.97 -4.91
N SER B 58 -9.41 2.79 -5.53
CA SER B 58 -9.16 1.56 -4.77
C SER B 58 -7.69 1.17 -4.78
N GLY B 59 -7.21 0.63 -3.66
CA GLY B 59 -5.88 0.04 -3.62
C GLY B 59 -5.85 -1.44 -3.94
N ASP B 60 -7.01 -1.99 -4.31
CA ASP B 60 -7.17 -3.42 -4.62
C ASP B 60 -6.51 -3.76 -5.96
N ARG B 61 -5.63 -4.74 -6.01
CA ARG B 61 -5.03 -5.11 -7.30
C ARG B 61 -5.18 -6.61 -7.59
N ARG B 62 -6.26 -7.21 -7.09
CA ARG B 62 -6.50 -8.63 -7.32
C ARG B 62 -6.71 -8.95 -8.80
N ASN B 63 -7.42 -8.08 -9.51
CA ASN B 63 -7.55 -8.26 -10.97
C ASN B 63 -6.60 -7.31 -11.74
N GLY B 64 -5.37 -7.17 -11.27
CA GLY B 64 -4.42 -6.25 -11.90
C GLY B 64 -4.82 -4.79 -11.71
N CYS B 65 -4.41 -3.92 -12.62
CA CYS B 65 -4.67 -2.49 -12.48
C CYS B 65 -6.15 -2.14 -12.64
N THR B 66 -6.94 -3.09 -13.14
CA THR B 66 -8.38 -2.87 -13.34
C THR B 66 -9.08 -2.72 -12.00
N SER B 67 -8.62 -3.49 -11.01
CA SER B 67 -9.22 -3.51 -9.68
C SER B 67 -9.11 -2.18 -8.94
N MSE B 68 -8.26 -1.29 -9.43
CA MSE B 68 -8.08 -0.01 -8.73
C MSE B 68 -9.21 0.98 -9.04
O MSE B 68 -9.20 2.11 -8.57
CB MSE B 68 -6.71 0.58 -9.08
CG MSE B 68 -5.55 -0.37 -8.83
SE MSE B 68 -3.82 0.55 -8.56
CE MSE B 68 -3.61 0.35 -6.60
N GLY B 69 -10.19 0.53 -9.81
CA GLY B 69 -11.43 1.28 -9.98
C GLY B 69 -11.31 2.59 -10.75
N PRO B 70 -12.27 3.50 -10.54
CA PRO B 70 -12.37 4.79 -11.24
C PRO B 70 -11.42 5.84 -10.69
N HIS B 71 -11.32 6.96 -11.40
CA HIS B 71 -10.55 8.11 -10.95
C HIS B 71 -10.99 8.52 -9.56
N PHE B 72 -10.04 8.97 -8.74
CA PHE B 72 -10.36 9.31 -7.35
C PHE B 72 -10.72 10.77 -7.20
N ASN B 73 -11.80 10.99 -6.47
CA ASN B 73 -12.29 12.32 -6.14
C ASN B 73 -11.72 12.84 -4.81
N PRO B 74 -10.66 13.65 -4.87
CA PRO B 74 -10.10 14.12 -3.59
C PRO B 74 -11.04 15.09 -2.87
N PHE B 75 -12.27 15.18 -3.35
CA PHE B 75 -13.23 16.12 -2.79
C PHE B 75 -14.45 15.38 -2.20
N LEU B 92 -3.14 15.15 -12.07
CA LEU B 92 -1.69 15.04 -12.12
C LEU B 92 -1.15 15.42 -13.51
N GLY B 93 -1.96 15.19 -14.53
CA GLY B 93 -1.60 15.55 -15.89
C GLY B 93 -0.81 14.45 -16.58
N ASN B 94 0.00 14.84 -17.54
CA ASN B 94 0.84 13.89 -18.27
C ASN B 94 2.26 13.87 -17.73
N ILE B 95 2.90 12.70 -17.83
CA ILE B 95 4.33 12.60 -17.67
C ILE B 95 4.95 12.28 -19.01
N VAL B 96 6.22 12.62 -19.17
CA VAL B 96 6.93 12.31 -20.39
C VAL B 96 7.97 11.23 -20.11
N VAL B 97 7.85 10.11 -20.82
CA VAL B 97 8.84 9.07 -20.77
C VAL B 97 9.83 9.30 -21.91
N ASN B 98 11.13 9.22 -21.63
CA ASN B 98 12.14 9.52 -22.65
C ASN B 98 12.47 8.28 -23.47
N ASN B 99 13.43 8.41 -24.38
CA ASN B 99 13.73 7.32 -25.30
C ASN B 99 14.37 6.12 -24.63
N ASN B 100 15.01 6.35 -23.48
CA ASN B 100 15.53 5.28 -22.65
C ASN B 100 14.43 4.52 -21.91
N GLY B 101 13.20 4.99 -22.01
CA GLY B 101 12.08 4.36 -21.33
C GLY B 101 11.95 4.78 -19.87
N GLU B 102 12.67 5.84 -19.51
CA GLU B 102 12.65 6.32 -18.13
C GLU B 102 11.92 7.64 -17.97
N CYS B 103 11.37 7.87 -16.78
CA CYS B 103 10.81 9.16 -16.42
C CYS B 103 11.33 9.60 -15.06
N ASN B 104 12.08 10.69 -15.04
CA ASN B 104 12.70 11.19 -13.82
C ASN B 104 12.28 12.59 -13.49
N GLU B 105 11.12 12.99 -13.98
CA GLU B 105 10.67 14.35 -13.77
C GLU B 105 10.06 14.54 -12.40
N ILE B 106 9.87 15.81 -12.06
CA ILE B 106 9.30 16.19 -10.79
C ILE B 106 8.18 17.15 -11.08
N ILE B 107 7.01 16.90 -10.51
CA ILE B 107 5.92 17.84 -10.61
C ILE B 107 5.47 18.17 -9.20
N CYS B 108 4.67 19.22 -9.06
CA CYS B 108 4.16 19.59 -7.75
C CYS B 108 2.68 19.90 -7.94
N VAL B 109 1.85 19.23 -7.15
CA VAL B 109 0.41 19.30 -7.31
C VAL B 109 -0.14 20.01 -6.10
N LYS B 110 -0.81 21.14 -6.35
CA LYS B 110 -1.16 22.07 -5.27
C LYS B 110 -2.06 21.43 -4.22
N TYR B 111 -3.03 20.63 -4.65
CA TYR B 111 -3.92 19.96 -3.71
C TYR B 111 -3.91 18.46 -3.93
N LEU B 112 -3.26 17.73 -3.02
CA LEU B 112 -3.11 16.29 -3.18
C LEU B 112 -2.73 15.73 -1.83
N PRO B 113 -3.72 15.54 -0.95
CA PRO B 113 -3.37 15.23 0.43
C PRO B 113 -2.93 13.78 0.60
N LEU B 114 -1.92 13.54 1.44
CA LEU B 114 -1.46 12.18 1.73
C LEU B 114 -2.08 11.67 3.01
N THR B 115 -2.65 12.60 3.80
CA THR B 115 -3.31 12.26 5.06
C THR B 115 -4.72 12.89 5.11
N GLY B 116 -5.54 12.44 6.05
CA GLY B 116 -6.89 12.97 6.20
C GLY B 116 -7.88 12.11 5.45
N SER B 117 -9.17 12.48 5.53
CA SER B 117 -10.24 11.63 5.00
C SER B 117 -10.19 11.52 3.48
N ASN B 118 -9.63 12.52 2.81
CA ASN B 118 -9.47 12.46 1.36
C ASN B 118 -8.04 12.12 0.90
N GLN B 119 -7.28 11.44 1.75
CA GLN B 119 -5.89 11.09 1.47
C GLN B 119 -5.79 10.15 0.28
N ILE B 120 -4.67 10.19 -0.43
CA ILE B 120 -4.43 9.26 -1.53
C ILE B 120 -3.55 8.09 -1.12
N ILE B 121 -2.99 8.15 0.10
CA ILE B 121 -2.26 7.01 0.63
C ILE B 121 -3.26 5.89 0.86
N GLY B 122 -2.91 4.68 0.40
CA GLY B 122 -3.82 3.55 0.49
C GLY B 122 -4.61 3.35 -0.80
N ARG B 123 -4.47 4.29 -1.71
CA ARG B 123 -5.18 4.26 -2.98
C ARG B 123 -4.20 4.03 -4.13
N GLY B 124 -4.68 4.17 -5.36
CA GLY B 124 -3.87 3.78 -6.51
C GLY B 124 -3.27 4.87 -7.37
N LEU B 125 -2.09 4.61 -7.92
CA LEU B 125 -1.56 5.47 -8.94
C LEU B 125 -1.51 4.67 -10.21
N VAL B 126 -2.10 5.17 -11.29
CA VAL B 126 -2.12 4.41 -12.54
C VAL B 126 -1.52 5.21 -13.69
N ILE B 127 -0.60 4.59 -14.43
CA ILE B 127 -0.05 5.18 -15.65
C ILE B 127 -0.81 4.66 -16.87
N HIS B 128 -1.37 5.57 -17.65
CA HIS B 128 -2.17 5.19 -18.82
C HIS B 128 -1.33 5.37 -20.10
N GLU B 129 -1.58 4.55 -21.11
CA GLU B 129 -0.78 4.63 -22.34
C GLU B 129 -1.11 5.87 -23.17
N LYS B 130 -2.26 6.48 -22.89
CA LYS B 130 -2.71 7.67 -23.62
C LYS B 130 -2.58 8.94 -22.76
N GLU B 131 -2.13 10.03 -23.38
CA GLU B 131 -2.02 11.31 -22.68
C GLU B 131 -3.40 11.91 -22.40
N ASP B 132 -3.44 12.91 -21.52
CA ASP B 132 -4.69 13.61 -21.22
C ASP B 132 -4.95 14.70 -22.24
N ASP B 150 -6.42 1.31 -21.64
CA ASP B 150 -5.57 0.30 -21.04
C ASP B 150 -4.59 0.94 -20.05
N ARG B 151 -4.46 0.31 -18.89
CA ARG B 151 -3.60 0.79 -17.82
C ARG B 151 -2.28 0.04 -17.88
N ILE B 152 -1.20 0.75 -18.20
CA ILE B 152 0.04 0.07 -18.51
C ILE B 152 0.88 -0.15 -17.27
N ALA B 153 0.61 0.61 -16.22
CA ALA B 153 1.32 0.43 -14.96
C ALA B 153 0.52 1.00 -13.79
N CYS B 154 0.62 0.33 -12.63
CA CYS B 154 -0.04 0.84 -11.43
C CYS B 154 0.67 0.38 -10.17
N GLY B 155 0.37 1.04 -9.07
CA GLY B 155 0.93 0.67 -7.78
C GLY B 155 0.07 1.23 -6.67
N ILE B 156 0.32 0.81 -5.45
CA ILE B 156 -0.37 1.30 -4.28
C ILE B 156 0.44 2.42 -3.64
N ILE B 157 -0.21 3.51 -3.27
CA ILE B 157 0.51 4.62 -2.63
C ILE B 157 0.59 4.35 -1.14
N ALA B 158 1.82 4.29 -0.63
CA ALA B 158 2.07 3.80 0.74
C ALA B 158 2.92 4.77 1.56
N TYR B 159 2.95 4.63 2.88
CA TYR B 159 3.88 5.43 3.68
C TYR B 159 5.31 5.01 3.38
N LEU B 160 6.16 5.98 3.04
CA LEU B 160 7.58 5.68 2.88
C LEU B 160 8.10 5.39 4.26
N ASN B 161 7.58 6.23 5.14
CA ASN B 161 7.93 6.40 6.52
C ASN B 161 9.16 5.64 6.99
#